data_1HR1
#
_entry.id   1HR1
#
_cell.length_a   1.000
_cell.length_b   1.000
_cell.length_c   1.000
_cell.angle_alpha   90.00
_cell.angle_beta   90.00
_cell.angle_gamma   90.00
#
_symmetry.space_group_name_H-M   'P 1'
#
_entity_poly.entity_id   1
_entity_poly.type   'polypeptide(L)'
_entity_poly.pdbx_seq_one_letter_code
;ILAWKWAWWAWRR(NH2)
;
_entity_poly.pdbx_strand_id   A
#
# COMPACT_ATOMS: atom_id res chain seq x y z
N ILE A 1 -12.66 -4.54 2.77
CA ILE A 1 -11.90 -3.28 2.99
C ILE A 1 -10.56 -3.58 3.68
N LEU A 2 -10.05 -4.77 3.49
CA LEU A 2 -8.74 -5.13 4.13
C LEU A 2 -7.57 -4.69 3.24
N ALA A 3 -7.04 -3.53 3.49
CA ALA A 3 -5.90 -3.03 2.67
C ALA A 3 -5.67 -1.54 2.94
N TRP A 4 -4.44 -1.14 3.00
CA TRP A 4 -4.12 0.30 3.25
C TRP A 4 -2.62 0.47 3.50
N LYS A 5 -2.11 -0.19 4.51
CA LYS A 5 -0.65 -0.09 4.78
C LYS A 5 0.14 -0.81 3.68
N TRP A 6 -0.54 -1.44 2.77
CA TRP A 6 0.16 -2.16 1.67
C TRP A 6 0.48 -1.18 0.54
N ALA A 7 -0.49 -0.40 0.13
CA ALA A 7 -0.26 0.59 -0.96
C ALA A 7 0.97 1.45 -0.64
N TRP A 8 1.28 1.61 0.62
CA TRP A 8 2.45 2.45 1.00
C TRP A 8 3.68 2.01 0.22
N TRP A 9 4.36 1.01 0.71
CA TRP A 9 5.59 0.55 0.03
C TRP A 9 5.39 0.49 -1.49
N ALA A 10 4.17 0.35 -1.94
CA ALA A 10 3.93 0.32 -3.41
C ALA A 10 4.24 1.68 -4.02
N TRP A 11 4.05 2.73 -3.28
CA TRP A 11 4.35 4.08 -3.80
C TRP A 11 5.87 4.28 -3.91
N ARG A 12 6.57 3.91 -2.87
CA ARG A 12 8.05 4.08 -2.86
C ARG A 12 8.65 3.57 -4.18
N ARG A 13 8.13 2.50 -4.71
CA ARG A 13 8.67 1.96 -5.98
C ARG A 13 8.52 3.00 -7.10
N ILE A 1 -7.10 -9.71 4.94
CA ILE A 1 -8.13 -8.75 4.44
C ILE A 1 -7.47 -7.51 3.86
N LEU A 2 -6.76 -7.65 2.77
CA LEU A 2 -6.10 -6.46 2.15
C LEU A 2 -7.13 -5.56 1.47
N ALA A 3 -6.89 -4.27 1.47
CA ALA A 3 -7.87 -3.35 0.83
C ALA A 3 -7.52 -1.90 1.21
N TRP A 4 -7.58 -0.99 0.27
CA TRP A 4 -7.24 0.44 0.55
C TRP A 4 -5.72 0.59 0.69
N LYS A 5 -5.11 -0.22 1.50
CA LYS A 5 -3.62 -0.12 1.65
C LYS A 5 -2.95 -0.75 0.44
N TRP A 6 -3.73 -1.22 -0.50
CA TRP A 6 -3.13 -1.83 -1.74
C TRP A 6 -2.90 -0.75 -2.79
N ALA A 7 -3.89 0.04 -3.07
CA ALA A 7 -3.73 1.12 -4.09
C ALA A 7 -2.48 1.96 -3.78
N TRP A 8 -2.06 1.97 -2.54
CA TRP A 8 -0.85 2.77 -2.18
C TRP A 8 0.36 2.28 -2.97
N TRP A 9 1.03 1.28 -2.46
CA TRP A 9 2.23 0.76 -3.15
C TRP A 9 2.01 0.69 -4.66
N ALA A 10 0.77 0.55 -5.09
CA ALA A 10 0.50 0.49 -6.56
C ALA A 10 0.84 1.84 -7.19
N TRP A 11 0.62 2.92 -6.49
CA TRP A 11 0.94 4.26 -7.05
C TRP A 11 2.46 4.41 -7.18
N ARG A 12 3.18 4.02 -6.17
CA ARG A 12 4.65 4.15 -6.19
C ARG A 12 5.21 3.64 -7.52
N ARG A 13 4.53 2.70 -8.14
CA ARG A 13 5.02 2.16 -9.44
C ARG A 13 4.39 2.92 -10.60
N ILE A 1 -11.50 -4.48 3.24
CA ILE A 1 -10.74 -3.22 3.45
C ILE A 1 -9.57 -3.45 4.39
N LEU A 2 -8.60 -4.21 3.97
CA LEU A 2 -7.42 -4.47 4.85
C LEU A 2 -6.13 -4.12 4.13
N ALA A 3 -5.56 -2.98 4.41
CA ALA A 3 -4.29 -2.58 3.74
C ALA A 3 -3.99 -1.11 4.01
N TRP A 4 -2.76 -0.77 4.21
CA TRP A 4 -2.39 0.64 4.49
C TRP A 4 -0.91 0.73 4.86
N LYS A 5 -0.53 0.08 5.91
CA LYS A 5 0.90 0.10 6.33
C LYS A 5 1.74 -0.69 5.33
N TRP A 6 1.11 -1.32 4.37
CA TRP A 6 1.87 -2.10 3.34
C TRP A 6 2.36 -1.16 2.24
N ALA A 7 1.49 -0.33 1.75
CA ALA A 7 1.89 0.62 0.66
C ALA A 7 3.13 1.41 1.09
N TRP A 8 3.35 1.54 2.37
CA TRP A 8 4.55 2.29 2.85
C TRP A 8 5.80 1.81 2.12
N TRP A 9 6.38 0.73 2.60
CA TRP A 9 7.61 0.21 1.97
C TRP A 9 7.46 0.15 0.44
N ALA A 10 6.25 0.09 -0.05
CA ALA A 10 6.06 0.05 -1.54
C ALA A 10 6.28 1.44 -2.13
N TRP A 11 5.52 2.41 -1.69
CA TRP A 11 5.69 3.79 -2.23
C TRP A 11 7.18 4.17 -2.19
N ARG A 12 7.81 3.89 -1.08
CA ARG A 12 9.25 4.24 -0.91
C ARG A 12 10.01 4.04 -2.24
N ARG A 13 9.68 3.01 -2.95
CA ARG A 13 10.38 2.75 -4.25
C ARG A 13 9.89 3.72 -5.32
N ILE A 1 -12.42 -6.33 3.09
CA ILE A 1 -10.95 -6.58 3.15
C ILE A 1 -10.24 -5.39 3.80
N LEU A 2 -8.98 -5.52 4.09
CA LEU A 2 -8.24 -4.38 4.73
C LEU A 2 -7.07 -3.97 3.83
N ALA A 3 -6.46 -2.84 4.12
CA ALA A 3 -5.31 -2.38 3.29
C ALA A 3 -4.98 -0.93 3.64
N TRP A 4 -3.73 -0.61 3.70
CA TRP A 4 -3.31 0.79 4.03
C TRP A 4 -1.81 0.83 4.28
N LYS A 5 -1.35 0.08 5.25
CA LYS A 5 0.11 0.06 5.55
C LYS A 5 0.86 -0.66 4.41
N TRP A 6 0.13 -1.18 3.47
CA TRP A 6 0.79 -1.89 2.32
C TRP A 6 1.20 -0.87 1.25
N ALA A 7 0.30 -0.01 0.87
CA ALA A 7 0.62 1.01 -0.17
C ALA A 7 1.92 1.73 0.19
N TRP A 8 2.24 1.83 1.45
CA TRP A 8 3.49 2.52 1.86
C TRP A 8 4.67 1.97 1.06
N TRP A 9 5.25 0.89 1.52
CA TRP A 9 6.41 0.31 0.82
C TRP A 9 6.17 0.27 -0.70
N ALA A 10 4.94 0.25 -1.12
CA ALA A 10 4.65 0.22 -2.59
C ALA A 10 4.90 1.60 -3.19
N TRP A 11 4.16 2.59 -2.76
CA TRP A 11 4.38 3.96 -3.31
C TRP A 11 5.87 4.28 -3.35
N ARG A 12 6.55 3.97 -2.28
CA ARG A 12 8.00 4.26 -2.19
C ARG A 12 8.68 4.01 -3.54
N ARG A 13 8.25 3.01 -4.25
CA ARG A 13 8.87 2.71 -5.57
C ARG A 13 8.34 3.69 -6.63
N ILE A 1 -10.07 -7.05 4.17
CA ILE A 1 -9.37 -6.09 3.26
C ILE A 1 -8.37 -5.25 4.05
N LEU A 2 -7.92 -5.74 5.17
CA LEU A 2 -6.94 -4.96 5.98
C LEU A 2 -5.82 -4.44 5.09
N ALA A 3 -5.27 -3.30 5.42
CA ALA A 3 -4.17 -2.73 4.60
C ALA A 3 -3.91 -1.27 5.01
N TRP A 4 -2.67 -0.88 5.03
CA TRP A 4 -2.34 0.53 5.42
C TRP A 4 -0.82 0.66 5.57
N LYS A 5 -0.24 -0.09 6.47
CA LYS A 5 1.23 -0.02 6.66
C LYS A 5 1.94 -0.63 5.44
N TRP A 6 1.19 -1.18 4.52
CA TRP A 6 1.80 -1.79 3.31
C TRP A 6 2.04 -0.71 2.24
N ALA A 7 1.04 0.10 1.99
CA ALA A 7 1.20 1.18 0.96
C ALA A 7 2.44 2.02 1.27
N TRP A 8 2.86 2.08 2.50
CA TRP A 8 4.06 2.87 2.85
C TRP A 8 5.28 2.37 2.08
N TRP A 9 5.93 1.38 2.60
CA TRP A 9 7.14 0.86 1.93
C TRP A 9 6.93 0.75 0.41
N ALA A 10 5.71 0.63 -0.03
CA ALA A 10 5.45 0.56 -1.50
C ALA A 10 5.82 1.88 -2.15
N TRP A 11 5.64 2.97 -1.46
CA TRP A 11 5.99 4.30 -2.05
C TRP A 11 7.52 4.43 -2.14
N ARG A 12 8.20 4.05 -1.10
CA ARG A 12 9.68 4.17 -1.09
C ARG A 12 10.27 3.59 -2.39
N ARG A 13 9.58 2.66 -3.00
CA ARG A 13 10.09 2.06 -4.26
C ARG A 13 9.65 2.90 -5.46
N ILE A 1 -11.70 -0.68 4.93
CA ILE A 1 -10.81 -1.37 5.92
C ILE A 1 -10.17 -2.60 5.28
N LEU A 2 -10.03 -2.60 3.98
CA LEU A 2 -9.41 -3.78 3.29
C LEU A 2 -8.18 -3.33 2.51
N ALA A 3 -7.01 -3.60 3.01
CA ALA A 3 -5.75 -3.19 2.29
C ALA A 3 -5.57 -1.68 2.40
N TRP A 4 -4.36 -1.24 2.61
CA TRP A 4 -4.10 0.22 2.73
C TRP A 4 -2.63 0.45 3.05
N LYS A 5 -2.17 -0.05 4.17
CA LYS A 5 -0.74 0.13 4.53
C LYS A 5 0.15 -0.70 3.60
N TRP A 6 -0.46 -1.47 2.73
CA TRP A 6 0.34 -2.29 1.77
C TRP A 6 0.74 -1.44 0.56
N ALA A 7 -0.19 -0.72 0.00
CA ALA A 7 0.12 0.13 -1.18
C ALA A 7 1.30 1.06 -0.85
N TRP A 8 1.47 1.40 0.39
CA TRP A 8 2.60 2.30 0.77
C TRP A 8 3.87 1.85 0.05
N TRP A 9 4.54 0.88 0.59
CA TRP A 9 5.80 0.41 -0.02
C TRP A 9 5.66 0.32 -1.55
N ALA A 10 4.46 0.13 -2.03
CA ALA A 10 4.26 0.06 -3.52
C ALA A 10 4.56 1.42 -4.15
N TRP A 11 4.28 2.48 -3.44
CA TRP A 11 4.56 3.84 -4.00
C TRP A 11 6.08 4.05 -4.06
N ARG A 12 6.76 3.71 -3.02
CA ARG A 12 8.24 3.90 -2.97
C ARG A 12 8.88 3.38 -4.26
N ARG A 13 8.25 2.44 -4.91
CA ARG A 13 8.83 1.90 -6.18
C ARG A 13 8.89 3.00 -7.25
N ILE A 1 -10.26 -6.39 5.71
CA ILE A 1 -9.59 -6.23 4.40
C ILE A 1 -8.97 -4.84 4.27
N LEU A 2 -8.62 -4.23 5.37
CA LEU A 2 -8.02 -2.88 5.31
C LEU A 2 -6.57 -2.96 4.79
N ALA A 3 -6.40 -2.96 3.50
CA ALA A 3 -5.03 -3.04 2.93
C ALA A 3 -4.47 -1.64 2.68
N TRP A 4 -4.77 -0.72 3.56
CA TRP A 4 -4.27 0.68 3.38
C TRP A 4 -2.75 0.75 3.56
N LYS A 5 -2.21 -0.03 4.46
CA LYS A 5 -0.74 0.00 4.68
C LYS A 5 -0.02 -0.79 3.58
N TRP A 6 -0.75 -1.26 2.61
CA TRP A 6 -0.10 -2.03 1.50
C TRP A 6 0.27 -1.09 0.35
N ALA A 7 -0.64 -0.27 -0.08
CA ALA A 7 -0.33 0.66 -1.20
C ALA A 7 0.94 1.47 -0.88
N TRP A 8 1.27 1.58 0.38
CA TRP A 8 2.49 2.34 0.75
C TRP A 8 3.70 1.83 -0.03
N TRP A 9 4.31 0.78 0.44
CA TRP A 9 5.50 0.22 -0.24
C TRP A 9 5.26 0.09 -1.75
N ALA A 10 4.01 0.03 -2.16
CA ALA A 10 3.73 -0.09 -3.62
C ALA A 10 3.89 1.27 -4.31
N TRP A 11 3.11 2.24 -3.92
CA TRP A 11 3.23 3.59 -4.54
C TRP A 11 4.70 3.98 -4.63
N ARG A 12 5.42 3.75 -3.57
CA ARG A 12 6.86 4.12 -3.54
C ARG A 12 7.53 3.80 -4.88
N ARG A 13 7.12 2.74 -5.52
CA ARG A 13 7.73 2.39 -6.83
C ARG A 13 7.42 3.46 -7.87
N ILE A 1 -12.87 -4.75 5.47
CA ILE A 1 -11.80 -4.80 4.43
C ILE A 1 -10.43 -4.93 5.09
N LEU A 2 -9.40 -5.11 4.31
CA LEU A 2 -8.03 -5.25 4.89
C LEU A 2 -6.98 -4.72 3.91
N ALA A 3 -6.49 -3.54 4.12
CA ALA A 3 -5.46 -2.98 3.21
C ALA A 3 -5.22 -1.50 3.53
N TRP A 4 -4.00 -1.07 3.50
CA TRP A 4 -3.69 0.36 3.80
C TRP A 4 -2.17 0.54 3.89
N LYS A 5 -1.55 -0.15 4.80
CA LYS A 5 -0.07 -0.03 4.94
C LYS A 5 0.62 -0.65 3.72
N TRP A 6 -0.14 -1.25 2.85
CA TRP A 6 0.46 -1.87 1.63
C TRP A 6 0.66 -0.80 0.55
N ALA A 7 -0.34 -0.01 0.29
CA ALA A 7 -0.21 1.05 -0.74
C ALA A 7 1.02 1.92 -0.45
N TRP A 8 1.45 1.96 0.79
CA TRP A 8 2.64 2.78 1.13
C TRP A 8 3.86 2.29 0.36
N TRP A 9 4.52 1.30 0.88
CA TRP A 9 5.74 0.78 0.21
C TRP A 9 5.53 0.68 -1.30
N ALA A 10 4.30 0.55 -1.74
CA ALA A 10 4.05 0.46 -3.21
C ALA A 10 4.39 1.80 -3.86
N TRP A 11 4.21 2.88 -3.14
CA TRP A 11 4.53 4.22 -3.71
C TRP A 11 6.06 4.38 -3.83
N ARG A 12 6.76 4.02 -2.80
CA ARG A 12 8.24 4.16 -2.81
C ARG A 12 8.82 3.59 -4.11
N ARG A 13 8.15 2.63 -4.70
CA ARG A 13 8.67 2.03 -5.96
C ARG A 13 8.13 2.81 -7.16
N ILE A 1 -12.32 -6.35 2.53
CA ILE A 1 -11.01 -6.52 3.22
C ILE A 1 -10.39 -5.15 3.51
N LEU A 2 -9.34 -5.12 4.29
CA LEU A 2 -8.68 -3.81 4.60
C LEU A 2 -7.26 -3.79 4.04
N ALA A 3 -7.12 -3.57 2.76
CA ALA A 3 -5.76 -3.53 2.16
C ALA A 3 -5.31 -2.08 1.95
N TRP A 4 -5.64 -1.22 2.86
CA TRP A 4 -5.24 0.21 2.71
C TRP A 4 -3.73 0.38 2.87
N LYS A 5 -3.12 -0.37 3.73
CA LYS A 5 -1.64 -0.23 3.92
C LYS A 5 -0.89 -0.93 2.79
N TRP A 6 -1.60 -1.44 1.82
CA TRP A 6 -0.91 -2.13 0.68
C TRP A 6 -0.65 -1.13 -0.46
N ALA A 7 -1.65 -0.38 -0.85
CA ALA A 7 -1.45 0.61 -1.96
C ALA A 7 -0.25 1.51 -1.66
N TRP A 8 0.12 1.62 -0.41
CA TRP A 8 1.27 2.49 -0.05
C TRP A 8 2.51 2.07 -0.84
N TRP A 9 3.21 1.09 -0.36
CA TRP A 9 4.44 0.65 -1.04
C TRP A 9 4.23 0.59 -2.57
N ALA A 10 3.01 0.42 -3.01
CA ALA A 10 2.75 0.37 -4.47
C ALA A 10 3.02 1.75 -5.09
N TRP A 11 2.75 2.79 -4.35
CA TRP A 11 3.00 4.16 -4.88
C TRP A 11 4.51 4.40 -5.02
N ARG A 12 5.25 3.99 -4.02
CA ARG A 12 6.73 4.19 -4.05
C ARG A 12 7.30 3.68 -5.37
N ARG A 13 6.80 2.57 -5.86
CA ARG A 13 7.31 2.02 -7.14
C ARG A 13 7.43 3.12 -8.19
N ILE A 1 -12.38 -3.64 3.65
CA ILE A 1 -11.29 -2.68 3.33
C ILE A 1 -10.03 -3.02 4.14
N LEU A 2 -9.39 -4.11 3.83
CA LEU A 2 -8.17 -4.50 4.58
C LEU A 2 -6.91 -4.15 3.77
N ALA A 3 -6.33 -3.02 4.02
CA ALA A 3 -5.10 -2.62 3.27
C ALA A 3 -4.78 -1.15 3.53
N TRP A 4 -3.53 -0.83 3.66
CA TRP A 4 -3.14 0.60 3.92
C TRP A 4 -1.65 0.66 4.24
N LYS A 5 -1.24 0.00 5.29
CA LYS A 5 0.21 0.00 5.66
C LYS A 5 1.00 -0.81 4.63
N TRP A 6 0.32 -1.42 3.69
CA TRP A 6 1.04 -2.21 2.65
C TRP A 6 1.50 -1.27 1.52
N ALA A 7 0.61 -0.46 1.02
CA ALA A 7 0.99 0.49 -0.07
C ALA A 7 2.26 1.24 0.31
N TRP A 8 2.49 1.44 1.57
CA TRP A 8 3.72 2.17 2.01
C TRP A 8 4.93 1.68 1.23
N TRP A 9 5.51 0.60 1.66
CA TRP A 9 6.70 0.05 0.97
C TRP A 9 6.50 0.04 -0.55
N ALA A 10 5.26 0.01 -1.00
CA ALA A 10 5.02 0.00 -2.46
C ALA A 10 5.24 1.41 -3.04
N TRP A 11 4.47 2.37 -2.61
CA TRP A 11 4.66 3.75 -3.13
C TRP A 11 6.15 4.10 -3.13
N ARG A 12 6.82 3.78 -2.06
CA ARG A 12 8.27 4.10 -1.94
C ARG A 12 8.97 3.90 -3.29
N ARG A 13 8.60 2.89 -4.02
CA ARG A 13 9.23 2.64 -5.34
C ARG A 13 9.01 3.83 -6.28
N ILE A 1 -5.58 -7.76 5.03
CA ILE A 1 -5.21 -6.34 4.79
C ILE A 1 -5.11 -6.06 3.30
N LEU A 2 -5.77 -6.84 2.49
CA LEU A 2 -5.71 -6.63 1.02
C LEU A 2 -6.89 -5.76 0.56
N ALA A 3 -6.83 -4.48 0.80
CA ALA A 3 -7.94 -3.59 0.38
C ALA A 3 -7.69 -2.16 0.86
N TRP A 4 -7.77 -1.20 -0.03
CA TRP A 4 -7.51 0.23 0.36
C TRP A 4 -6.02 0.45 0.58
N LYS A 5 -5.41 -0.35 1.39
CA LYS A 5 -3.95 -0.20 1.63
C LYS A 5 -3.16 -0.76 0.45
N TRP A 6 -3.86 -1.26 -0.54
CA TRP A 6 -3.16 -1.82 -1.73
C TRP A 6 -2.97 -0.71 -2.78
N ALA A 7 -4.02 0.02 -3.09
CA ALA A 7 -3.88 1.12 -4.08
C ALA A 7 -2.70 2.01 -3.72
N TRP A 8 -2.33 2.03 -2.47
CA TRP A 8 -1.17 2.89 -2.05
C TRP A 8 0.12 2.39 -2.68
N TRP A 9 0.74 1.45 -2.05
CA TRP A 9 2.03 0.92 -2.59
C TRP A 9 1.94 0.74 -4.11
N ALA A 10 0.76 0.54 -4.64
CA ALA A 10 0.63 0.37 -6.12
C ALA A 10 0.98 1.68 -6.82
N TRP A 11 0.70 2.79 -6.19
CA TRP A 11 1.04 4.11 -6.81
C TRP A 11 2.55 4.32 -6.81
N ARG A 12 3.17 4.05 -5.70
CA ARG A 12 4.64 4.26 -5.60
C ARG A 12 5.35 3.68 -6.82
N ARG A 13 5.08 2.44 -7.15
CA ARG A 13 5.75 1.82 -8.33
C ARG A 13 5.74 2.80 -9.51
N ILE A 1 -4.09 -4.51 6.41
CA ILE A 1 -4.69 -5.73 5.78
C ILE A 1 -4.66 -5.60 4.26
N LEU A 2 -5.05 -6.63 3.57
CA LEU A 2 -5.04 -6.58 2.08
C LEU A 2 -6.23 -5.73 1.58
N ALA A 3 -6.12 -4.43 1.68
CA ALA A 3 -7.24 -3.57 1.21
C ALA A 3 -6.98 -2.11 1.60
N TRP A 4 -7.03 -1.21 0.65
CA TRP A 4 -6.78 0.24 0.95
C TRP A 4 -5.29 0.48 1.19
N LYS A 5 -4.70 -0.29 2.05
CA LYS A 5 -3.23 -0.13 2.32
C LYS A 5 -2.43 -0.73 1.17
N TRP A 6 -3.11 -1.26 0.18
CA TRP A 6 -2.37 -1.86 -0.99
C TRP A 6 -2.14 -0.78 -2.06
N ALA A 7 -3.17 -0.05 -2.42
CA ALA A 7 -3.00 1.01 -3.44
C ALA A 7 -1.83 1.92 -3.08
N TRP A 8 -1.52 2.02 -1.81
CA TRP A 8 -0.38 2.88 -1.39
C TRP A 8 0.91 2.40 -2.03
N TRP A 9 1.54 1.44 -1.42
CA TRP A 9 2.82 0.93 -1.95
C TRP A 9 2.76 0.78 -3.47
N ALA A 10 1.59 0.59 -4.02
CA ALA A 10 1.48 0.46 -5.51
C ALA A 10 1.82 1.79 -6.17
N TRP A 11 1.54 2.88 -5.52
CA TRP A 11 1.87 4.21 -6.11
C TRP A 11 3.39 4.41 -6.10
N ARG A 12 4.02 4.09 -5.00
CA ARG A 12 5.48 4.28 -4.89
C ARG A 12 6.19 3.71 -6.13
N ARG A 13 5.66 2.66 -6.69
CA ARG A 13 6.30 2.07 -7.90
C ARG A 13 6.22 3.05 -9.07
N ILE A 1 -12.28 -6.88 3.50
CA ILE A 1 -10.81 -7.12 3.36
C ILE A 1 -10.02 -6.02 4.07
N LEU A 2 -8.73 -6.19 4.19
CA LEU A 2 -7.91 -5.16 4.89
C LEU A 2 -6.85 -4.61 3.93
N ALA A 3 -6.31 -3.45 4.22
CA ALA A 3 -5.27 -2.86 3.33
C ALA A 3 -5.02 -1.41 3.73
N TRP A 4 -3.80 -0.97 3.68
CA TRP A 4 -3.47 0.43 4.06
C TRP A 4 -1.96 0.62 4.16
N LYS A 5 -1.33 -0.13 5.02
CA LYS A 5 0.15 -0.02 5.15
C LYS A 5 0.83 -0.58 3.90
N TRP A 6 0.06 -1.15 3.00
CA TRP A 6 0.65 -1.71 1.75
C TRP A 6 0.83 -0.60 0.71
N ALA A 7 -0.19 0.20 0.51
CA ALA A 7 -0.09 1.30 -0.49
C ALA A 7 1.12 2.19 -0.18
N TRP A 8 1.59 2.16 1.04
CA TRP A 8 2.78 3.01 1.39
C TRP A 8 4.02 2.49 0.69
N TRP A 9 4.66 1.53 1.28
CA TRP A 9 5.91 0.99 0.69
C TRP A 9 5.75 0.81 -0.82
N ALA A 10 4.55 0.64 -1.31
CA ALA A 10 4.35 0.48 -2.78
C ALA A 10 4.71 1.79 -3.49
N TRP A 11 4.49 2.90 -2.85
CA TRP A 11 4.81 4.21 -3.48
C TRP A 11 6.34 4.38 -3.55
N ARG A 12 7.00 4.09 -2.46
CA ARG A 12 8.49 4.24 -2.42
C ARG A 12 9.13 3.63 -3.67
N ARG A 13 8.49 2.64 -4.24
CA ARG A 13 9.06 2.00 -5.46
C ARG A 13 9.17 3.02 -6.59
N ILE A 1 -3.62 -3.85 6.40
CA ILE A 1 -4.89 -4.51 5.97
C ILE A 1 -4.97 -4.57 4.45
N LEU A 2 -5.95 -5.26 3.93
CA LEU A 2 -6.09 -5.34 2.45
C LEU A 2 -7.15 -4.36 1.95
N ALA A 3 -7.27 -4.22 0.66
CA ALA A 3 -8.30 -3.27 0.11
C ALA A 3 -7.94 -1.84 0.53
N TRP A 4 -7.80 -0.94 -0.42
CA TRP A 4 -7.44 0.47 -0.10
C TRP A 4 -5.97 0.56 0.30
N LYS A 5 -5.56 -0.24 1.23
CA LYS A 5 -4.13 -0.22 1.67
C LYS A 5 -3.26 -0.94 0.62
N TRP A 6 -3.88 -1.42 -0.43
CA TRP A 6 -3.10 -2.13 -1.48
C TRP A 6 -2.66 -1.11 -2.55
N ALA A 7 -3.56 -0.31 -3.05
CA ALA A 7 -3.20 0.69 -4.07
C ALA A 7 -1.98 1.49 -3.63
N TRP A 8 -1.72 1.54 -2.35
CA TRP A 8 -0.55 2.31 -1.84
C TRP A 8 0.73 1.83 -2.54
N TRP A 9 1.30 0.75 -2.07
CA TRP A 9 2.54 0.25 -2.69
C TRP A 9 2.42 0.20 -4.21
N ALA A 10 1.22 0.14 -4.72
CA ALA A 10 1.04 0.11 -6.21
C ALA A 10 1.25 1.49 -6.79
N TRP A 11 0.43 2.44 -6.43
CA TRP A 11 0.60 3.82 -6.98
C TRP A 11 2.08 4.21 -6.93
N ARG A 12 2.72 3.90 -5.84
CA ARG A 12 4.15 4.26 -5.67
C ARG A 12 4.91 3.97 -6.97
N ARG A 13 4.51 2.96 -7.68
CA ARG A 13 5.21 2.61 -8.96
C ARG A 13 4.56 3.36 -10.13
N ILE A 1 -12.22 -4.88 3.60
CA ILE A 1 -11.73 -3.71 4.39
C ILE A 1 -10.40 -4.05 5.07
N LEU A 2 -9.35 -4.18 4.30
CA LEU A 2 -8.03 -4.51 4.90
C LEU A 2 -6.90 -4.09 3.96
N ALA A 3 -6.28 -2.97 4.20
CA ALA A 3 -5.16 -2.52 3.32
C ALA A 3 -4.80 -1.07 3.66
N TRP A 4 -3.53 -0.76 3.67
CA TRP A 4 -3.09 0.63 3.98
C TRP A 4 -1.57 0.66 4.15
N LYS A 5 -1.07 -0.10 5.09
CA LYS A 5 0.41 -0.13 5.30
C LYS A 5 1.09 -0.81 4.11
N TRP A 6 0.31 -1.33 3.18
CA TRP A 6 0.92 -2.00 1.99
C TRP A 6 1.26 -0.95 0.93
N ALA A 7 0.34 -0.08 0.64
CA ALA A 7 0.61 0.98 -0.39
C ALA A 7 1.88 1.75 -0.03
N TRP A 8 2.16 1.88 1.24
CA TRP A 8 3.38 2.62 1.66
C TRP A 8 4.60 2.07 0.93
N TRP A 9 5.14 0.98 1.43
CA TRP A 9 6.34 0.39 0.79
C TRP A 9 6.16 0.30 -0.73
N ALA A 10 4.95 0.29 -1.21
CA ALA A 10 4.73 0.20 -2.68
C ALA A 10 5.03 1.55 -3.34
N TRP A 11 4.29 2.57 -2.99
CA TRP A 11 4.56 3.91 -3.59
C TRP A 11 6.06 4.21 -3.56
N ARG A 12 6.67 3.93 -2.45
CA ARG A 12 8.13 4.22 -2.29
C ARG A 12 8.87 3.90 -3.59
N ARG A 13 8.56 2.79 -4.21
CA ARG A 13 9.25 2.43 -5.49
C ARG A 13 8.94 3.47 -6.56
#